data_1B16
#
_entry.id   1B16
#
_cell.length_a   66.800
_cell.length_b   53.000
_cell.length_c   70.500
_cell.angle_alpha   90.00
_cell.angle_beta   107.20
_cell.angle_gamma   90.00
#
_symmetry.space_group_name_H-M   'P 1 21 1'
#
loop_
_entity.id
_entity.type
_entity.pdbx_description
1 polymer 'PROTEIN (ALCOHOL DEHYDROGENASE)'
2 non-polymer 'NICOTINAMIDE ADENINE DINUCLEOTIDE 3-PENTANONE ADDUCT'
3 water water
#
_entity_poly.entity_id   1
_entity_poly.type   'polypeptide(L)'
_entity_poly.pdbx_seq_one_letter_code
;MDLTNKNVIFVAALGGIGLDTSRELVKRNLKNFVILDRVENPTALAELKAINPKVNITFHTYDVTVPVAESKKLLKKIFD
QLKTVDILINGAGILDDHQIERTIAINFTGLVNTTTAILDFWDKRKGGPGGIIANICSVTGFNAIHQVPVYSASKAAVVS
FTNSLAKLAPITGVTAYSINPGITRTPLVHTFNSWLDVEPRVAELLLSHPTQTSEQCGQNFVKAIEANKNGAIWKLDLGT
LEAIEWTKHWDSHI
;
_entity_poly.pdbx_strand_id   A,B
#
loop_
_chem_comp.id
_chem_comp.type
_chem_comp.name
_chem_comp.formula
NAQ non-polymer 'NICOTINAMIDE ADENINE DINUCLEOTIDE 3-PENTANONE ADDUCT' 'C26 H35 N7 O15 P2'
#
# COMPACT_ATOMS: atom_id res chain seq x y z
N MET A 1 -9.53 22.58 -15.82
CA MET A 1 -8.29 23.21 -16.16
C MET A 1 -8.08 23.42 -17.65
N ASP A 2 -7.74 24.65 -18.02
CA ASP A 2 -7.24 24.99 -19.34
C ASP A 2 -5.73 25.02 -19.23
N LEU A 3 -5.09 24.08 -19.93
CA LEU A 3 -3.66 23.86 -19.76
C LEU A 3 -2.82 24.92 -20.48
N THR A 4 -3.49 25.72 -21.33
CA THR A 4 -2.75 26.77 -22.03
C THR A 4 -1.99 27.63 -21.04
N ASN A 5 -0.70 27.82 -21.29
CA ASN A 5 0.17 28.67 -20.52
C ASN A 5 0.45 28.19 -19.11
N LYS A 6 0.20 26.91 -18.83
CA LYS A 6 0.44 26.37 -17.49
C LYS A 6 1.85 25.78 -17.38
N ASN A 7 2.31 25.67 -16.13
CA ASN A 7 3.56 25.00 -15.81
C ASN A 7 3.32 23.66 -15.12
N VAL A 8 3.89 22.61 -15.72
CA VAL A 8 3.64 21.23 -15.28
C VAL A 8 4.98 20.53 -15.03
N ILE A 9 5.08 19.86 -13.88
CA ILE A 9 6.17 18.94 -13.57
C ILE A 9 5.64 17.50 -13.71
N PHE A 10 6.34 16.72 -14.52
CA PHE A 10 5.91 15.33 -14.76
C PHE A 10 7.07 14.38 -14.42
N VAL A 11 6.92 13.72 -13.27
CA VAL A 11 7.86 12.65 -12.88
C VAL A 11 7.51 11.38 -13.66
N ALA A 12 8.53 10.84 -14.35
CA ALA A 12 8.39 9.64 -15.16
C ALA A 12 7.57 9.93 -16.42
N ALA A 13 7.93 11.04 -17.09
CA ALA A 13 7.25 11.45 -18.31
C ALA A 13 7.70 10.66 -19.54
N LEU A 14 8.77 9.86 -19.46
CA LEU A 14 9.34 9.36 -20.72
C LEU A 14 9.12 7.86 -20.89
N GLY A 15 8.36 7.24 -20.01
CA GLY A 15 8.01 5.82 -20.14
C GLY A 15 6.92 5.65 -21.21
N GLY A 16 6.32 4.48 -21.30
CA GLY A 16 5.33 4.22 -22.34
C GLY A 16 4.11 5.12 -22.25
N ILE A 17 3.41 5.05 -21.11
CA ILE A 17 2.25 5.89 -20.85
C ILE A 17 2.69 7.34 -20.72
N GLY A 18 3.77 7.57 -19.98
CA GLY A 18 4.29 8.93 -19.81
C GLY A 18 4.43 9.62 -21.15
N LEU A 19 5.16 9.03 -22.08
CA LEU A 19 5.55 9.79 -23.28
C LEU A 19 4.33 10.05 -24.16
N ASP A 20 3.39 9.11 -24.25
CA ASP A 20 2.15 9.39 -24.98
C ASP A 20 1.28 10.43 -24.28
N THR A 21 1.29 10.47 -22.94
CA THR A 21 0.65 11.58 -22.22
C THR A 21 1.37 12.89 -22.50
N SER A 22 2.69 12.88 -22.49
CA SER A 22 3.51 14.05 -22.78
C SER A 22 3.30 14.59 -24.19
N ARG A 23 3.18 13.70 -25.19
CA ARG A 23 2.85 14.13 -26.54
C ARG A 23 1.55 14.92 -26.55
N GLU A 24 0.50 14.47 -25.88
CA GLU A 24 -0.76 15.17 -25.79
C GLU A 24 -0.66 16.44 -24.97
N LEU A 25 0.09 16.43 -23.87
CA LEU A 25 0.25 17.62 -23.05
C LEU A 25 0.88 18.76 -23.83
N VAL A 26 1.95 18.49 -24.60
CA VAL A 26 2.62 19.61 -25.28
C VAL A 26 1.75 20.17 -26.40
N LYS A 27 0.81 19.44 -26.95
CA LYS A 27 -0.16 19.95 -27.90
C LYS A 27 -1.11 20.94 -27.25
N ARG A 28 -1.26 20.93 -25.93
CA ARG A 28 -2.10 21.86 -25.19
C ARG A 28 -1.41 23.17 -24.87
N ASN A 29 -0.20 23.43 -25.33
CA ASN A 29 0.40 24.75 -25.32
C ASN A 29 0.72 25.21 -23.89
N LEU A 30 1.27 24.27 -23.11
CA LEU A 30 1.89 24.60 -21.83
C LEU A 30 2.91 25.71 -22.02
N LYS A 31 3.16 26.48 -20.95
CA LYS A 31 4.27 27.41 -20.93
C LYS A 31 5.58 26.66 -20.67
N ASN A 32 5.61 25.93 -19.55
CA ASN A 32 6.78 25.14 -19.19
C ASN A 32 6.38 23.69 -18.88
N PHE A 33 7.13 22.78 -19.45
CA PHE A 33 6.93 21.35 -19.20
C PHE A 33 8.25 20.82 -18.67
N VAL A 34 8.27 20.51 -17.38
CA VAL A 34 9.49 20.07 -16.69
C VAL A 34 9.42 18.55 -16.45
N ILE A 35 10.31 17.86 -17.15
CA ILE A 35 10.37 16.40 -17.09
C ILE A 35 11.43 15.98 -16.09
N LEU A 36 10.99 15.19 -15.10
CA LEU A 36 11.86 14.57 -14.11
C LEU A 36 11.82 13.07 -14.33
N ASP A 37 12.95 12.50 -14.77
CA ASP A 37 12.94 11.04 -14.99
C ASP A 37 14.34 10.51 -14.69
N ARG A 38 14.40 9.17 -14.56
CA ARG A 38 15.61 8.55 -14.02
C ARG A 38 16.77 8.65 -14.98
N VAL A 39 16.49 8.51 -16.27
CA VAL A 39 17.48 8.53 -17.33
C VAL A 39 16.95 9.47 -18.43
N GLU A 40 17.84 10.32 -18.92
CA GLU A 40 17.44 11.21 -20.02
C GLU A 40 17.25 10.42 -21.30
N ASN A 41 16.27 10.82 -22.11
CA ASN A 41 16.07 10.24 -23.43
C ASN A 41 16.04 11.36 -24.46
N PRO A 42 17.15 11.58 -25.16
CA PRO A 42 17.23 12.71 -26.09
C PRO A 42 16.32 12.53 -27.29
N THR A 43 16.04 11.31 -27.72
CA THR A 43 15.11 11.09 -28.82
C THR A 43 13.73 11.62 -28.48
N ALA A 44 13.23 11.26 -27.30
CA ALA A 44 11.92 11.67 -26.82
C ALA A 44 11.83 13.18 -26.63
N LEU A 45 12.89 13.77 -26.08
CA LEU A 45 12.93 15.22 -25.94
C LEU A 45 12.87 15.93 -27.30
N ALA A 46 13.64 15.44 -28.28
CA ALA A 46 13.52 15.93 -29.64
C ALA A 46 12.14 15.76 -30.23
N GLU A 47 11.47 14.63 -30.01
CA GLU A 47 10.14 14.42 -30.52
C GLU A 47 9.16 15.44 -29.95
N LEU A 48 9.23 15.65 -28.63
CA LEU A 48 8.28 16.56 -27.98
C LEU A 48 8.48 17.99 -28.45
N LYS A 49 9.74 18.39 -28.60
CA LYS A 49 10.04 19.74 -29.12
C LYS A 49 9.57 19.89 -30.56
N ALA A 50 9.66 18.88 -31.41
CA ALA A 50 9.08 18.97 -32.75
C ALA A 50 7.57 19.08 -32.77
N ILE A 51 6.89 18.41 -31.83
CA ILE A 51 5.44 18.50 -31.76
C ILE A 51 4.99 19.92 -31.46
N ASN A 52 5.63 20.63 -30.55
CA ASN A 52 5.26 22.00 -30.23
C ASN A 52 6.48 22.76 -29.78
N PRO A 53 7.12 23.48 -30.73
CA PRO A 53 8.29 24.30 -30.44
C PRO A 53 8.03 25.44 -29.48
N LYS A 54 6.78 25.83 -29.24
CA LYS A 54 6.42 26.91 -28.35
C LYS A 54 6.58 26.57 -26.87
N VAL A 55 6.48 25.28 -26.51
CA VAL A 55 6.61 24.89 -25.10
C VAL A 55 8.07 24.92 -24.67
N ASN A 56 8.36 25.48 -23.50
CA ASN A 56 9.71 25.38 -22.93
C ASN A 56 9.86 24.05 -22.19
N ILE A 57 10.56 23.11 -22.83
CA ILE A 57 10.63 21.74 -22.30
C ILE A 57 12.00 21.54 -21.67
N THR A 58 12.04 21.23 -20.37
CA THR A 58 13.31 21.03 -19.69
C THR A 58 13.37 19.64 -19.05
N PHE A 59 14.57 19.17 -18.76
CA PHE A 59 14.76 17.82 -18.24
C PHE A 59 15.65 17.91 -16.99
N HIS A 60 15.30 17.22 -15.91
CA HIS A 60 16.18 17.00 -14.78
C HIS A 60 16.22 15.50 -14.44
N THR A 61 17.43 14.98 -14.23
CA THR A 61 17.60 13.63 -13.70
C THR A 61 16.97 13.53 -12.32
N TYR A 62 16.15 12.51 -12.12
CA TYR A 62 15.42 12.36 -10.86
C TYR A 62 15.11 10.87 -10.66
N ASP A 63 15.53 10.38 -9.50
CA ASP A 63 15.21 9.02 -9.07
C ASP A 63 14.32 9.13 -7.84
N VAL A 64 13.10 8.61 -7.87
CA VAL A 64 12.15 8.77 -6.78
C VAL A 64 12.57 8.07 -5.49
N THR A 65 13.64 7.28 -5.53
CA THR A 65 14.06 6.55 -4.33
C THR A 65 15.03 7.36 -3.49
N VAL A 66 15.37 8.58 -3.91
CA VAL A 66 16.19 9.45 -3.07
C VAL A 66 15.41 9.94 -1.85
N PRO A 67 16.16 10.38 -0.82
CA PRO A 67 15.52 10.86 0.38
C PRO A 67 14.71 12.13 0.10
N VAL A 68 13.71 12.39 0.91
CA VAL A 68 12.85 13.56 0.74
C VAL A 68 13.65 14.85 0.71
N ALA A 69 14.74 15.02 1.46
CA ALA A 69 15.51 16.26 1.37
C ALA A 69 16.08 16.48 -0.02
N GLU A 70 16.48 15.44 -0.74
CA GLU A 70 17.01 15.60 -2.09
C GLU A 70 15.90 16.02 -3.04
N SER A 71 14.69 15.49 -2.89
CA SER A 71 13.57 15.95 -3.68
C SER A 71 13.25 17.42 -3.38
N LYS A 72 13.26 17.83 -2.13
CA LYS A 72 13.06 19.24 -1.81
C LYS A 72 14.11 20.13 -2.46
N LYS A 73 15.37 19.75 -2.48
CA LYS A 73 16.42 20.56 -3.09
C LYS A 73 16.15 20.80 -4.58
N LEU A 74 15.78 19.74 -5.30
CA LEU A 74 15.51 19.87 -6.71
C LEU A 74 14.26 20.72 -6.97
N LEU A 75 13.18 20.44 -6.27
CA LEU A 75 11.94 21.18 -6.46
C LEU A 75 12.12 22.65 -6.06
N LYS A 76 12.90 22.96 -5.05
CA LYS A 76 13.18 24.34 -4.67
C LYS A 76 13.76 25.10 -5.86
N LYS A 77 14.73 24.53 -6.56
CA LYS A 77 15.31 25.22 -7.72
C LYS A 77 14.33 25.36 -8.87
N ILE A 78 13.50 24.36 -9.17
CA ILE A 78 12.50 24.50 -10.22
C ILE A 78 11.48 25.57 -9.88
N PHE A 79 10.94 25.58 -8.66
CA PHE A 79 10.04 26.63 -8.22
C PHE A 79 10.71 28.01 -8.27
N ASP A 80 11.96 28.08 -7.89
CA ASP A 80 12.66 29.39 -7.92
C ASP A 80 12.72 29.90 -9.36
N GLN A 81 13.16 29.07 -10.29
CA GLN A 81 13.26 29.47 -11.69
C GLN A 81 11.91 29.84 -12.27
N LEU A 82 10.86 29.05 -12.05
CA LEU A 82 9.59 29.21 -12.73
C LEU A 82 8.66 30.20 -12.04
N LYS A 83 8.90 30.38 -10.74
CA LYS A 83 8.06 31.12 -9.81
C LYS A 83 6.87 30.29 -9.35
N THR A 84 6.07 29.78 -10.29
CA THR A 84 4.88 29.00 -10.02
C THR A 84 4.91 27.66 -10.76
N VAL A 85 4.28 26.65 -10.15
CA VAL A 85 3.97 25.38 -10.78
C VAL A 85 2.48 25.12 -10.62
N ASP A 86 1.77 24.70 -11.66
CA ASP A 86 0.35 24.45 -11.60
C ASP A 86 -0.02 23.01 -11.23
N ILE A 87 0.72 22.07 -11.83
CA ILE A 87 0.34 20.65 -11.72
C ILE A 87 1.63 19.83 -11.55
N LEU A 88 1.56 18.84 -10.64
CA LEU A 88 2.59 17.80 -10.51
C LEU A 88 1.93 16.46 -10.89
N ILE A 89 2.61 15.74 -11.79
CA ILE A 89 2.17 14.37 -12.13
C ILE A 89 3.25 13.41 -11.59
N ASN A 90 2.77 12.49 -10.72
CA ASN A 90 3.66 11.46 -10.18
C ASN A 90 3.44 10.14 -10.95
N GLY A 91 4.36 9.79 -11.85
CA GLY A 91 4.14 8.65 -12.72
C GLY A 91 5.09 7.48 -12.53
N ALA A 92 6.05 7.49 -11.60
CA ALA A 92 7.08 6.42 -11.61
C ALA A 92 6.50 5.08 -11.19
N GLY A 93 6.94 4.02 -11.92
CA GLY A 93 6.51 2.68 -11.50
C GLY A 93 7.39 1.61 -12.11
N ILE A 94 7.59 0.54 -11.34
CA ILE A 94 8.20 -0.69 -11.88
C ILE A 94 7.27 -1.87 -11.56
N LEU A 95 7.39 -2.91 -12.40
CA LEU A 95 6.63 -4.16 -12.26
C LEU A 95 7.62 -5.32 -12.28
N ASP A 96 7.89 -5.87 -11.11
CA ASP A 96 8.86 -6.94 -10.91
C ASP A 96 8.74 -7.43 -9.47
N ASP A 97 7.90 -8.45 -9.24
CA ASP A 97 7.68 -8.95 -7.89
C ASP A 97 8.81 -9.85 -7.39
N HIS A 98 9.93 -9.98 -8.11
CA HIS A 98 11.18 -10.40 -7.51
C HIS A 98 11.93 -9.30 -6.79
N GLN A 99 11.47 -8.06 -6.93
CA GLN A 99 12.13 -6.91 -6.30
C GLN A 99 11.15 -6.29 -5.33
N ILE A 100 10.95 -6.91 -4.17
CA ILE A 100 9.91 -6.50 -3.23
C ILE A 100 10.21 -5.09 -2.71
N GLU A 101 11.40 -4.89 -2.18
CA GLU A 101 11.72 -3.61 -1.54
C GLU A 101 11.69 -2.49 -2.58
N ARG A 102 12.25 -2.70 -3.75
CA ARG A 102 12.32 -1.65 -4.76
C ARG A 102 10.96 -1.36 -5.36
N THR A 103 10.09 -2.33 -5.54
CA THR A 103 8.71 -2.09 -5.99
C THR A 103 8.04 -1.13 -5.03
N ILE A 104 8.17 -1.39 -3.72
CA ILE A 104 7.47 -0.57 -2.72
C ILE A 104 8.13 0.81 -2.67
N ALA A 105 9.43 0.89 -2.77
CA ALA A 105 10.15 2.17 -2.68
C ALA A 105 9.76 3.05 -3.86
N ILE A 106 9.64 2.50 -5.06
CA ILE A 106 9.38 3.34 -6.24
C ILE A 106 7.91 3.64 -6.31
N ASN A 107 7.04 2.63 -6.18
CA ASN A 107 5.63 2.78 -6.53
C ASN A 107 4.81 3.47 -5.45
N PHE A 108 5.27 3.34 -4.19
CA PHE A 108 4.53 3.87 -3.05
C PHE A 108 5.37 4.89 -2.30
N THR A 109 6.47 4.51 -1.67
CA THR A 109 7.22 5.47 -0.85
C THR A 109 7.66 6.67 -1.68
N GLY A 110 8.16 6.44 -2.89
CA GLY A 110 8.68 7.51 -3.73
C GLY A 110 7.57 8.51 -4.06
N LEU A 111 6.38 8.06 -4.39
CA LEU A 111 5.27 8.97 -4.72
C LEU A 111 4.92 9.77 -3.48
N VAL A 112 4.83 9.13 -2.32
CA VAL A 112 4.55 9.85 -1.08
C VAL A 112 5.63 10.89 -0.79
N ASN A 113 6.90 10.61 -1.00
CA ASN A 113 7.99 11.52 -0.72
C ASN A 113 7.99 12.66 -1.73
N THR A 114 7.73 12.44 -3.01
CA THR A 114 7.72 13.61 -3.93
C THR A 114 6.58 14.53 -3.50
N THR A 115 5.43 13.98 -3.18
CA THR A 115 4.29 14.73 -2.68
C THR A 115 4.62 15.52 -1.41
N THR A 116 5.22 14.86 -0.43
CA THR A 116 5.62 15.53 0.82
C THR A 116 6.60 16.66 0.51
N ALA A 117 7.59 16.43 -0.32
CA ALA A 117 8.51 17.49 -0.75
C ALA A 117 7.82 18.68 -1.40
N ILE A 118 6.92 18.49 -2.35
CA ILE A 118 6.38 19.65 -3.07
C ILE A 118 5.46 20.46 -2.20
N LEU A 119 4.89 19.87 -1.14
CA LEU A 119 4.12 20.65 -0.17
C LEU A 119 4.96 21.71 0.50
N ASP A 120 6.29 21.63 0.57
CA ASP A 120 7.07 22.78 1.08
C ASP A 120 6.79 24.04 0.28
N PHE A 121 6.57 23.93 -1.03
CA PHE A 121 6.42 25.09 -1.90
C PHE A 121 4.97 25.41 -2.18
N TRP A 122 4.03 24.51 -1.93
CA TRP A 122 2.63 24.71 -2.19
C TRP A 122 1.76 24.87 -0.97
N ASP A 123 2.08 24.22 0.15
CA ASP A 123 1.18 24.18 1.29
C ASP A 123 0.74 25.60 1.69
N LYS A 124 -0.56 25.82 1.77
CA LYS A 124 -1.00 27.20 2.06
C LYS A 124 -0.70 27.61 3.47
N ARG A 125 -0.45 26.67 4.39
CA ARG A 125 -0.06 26.96 5.76
C ARG A 125 1.36 27.48 5.85
N LYS A 126 2.19 27.28 4.82
CA LYS A 126 3.52 27.83 4.74
C LYS A 126 3.58 29.08 3.84
N GLY A 127 2.43 29.60 3.46
CA GLY A 127 2.36 30.75 2.58
C GLY A 127 2.37 30.40 1.12
N GLY A 128 2.20 29.13 0.74
CA GLY A 128 2.21 28.80 -0.68
C GLY A 128 0.82 28.93 -1.28
N PRO A 129 0.73 28.77 -2.61
CA PRO A 129 -0.50 29.02 -3.35
C PRO A 129 -1.39 27.84 -3.57
N GLY A 130 -1.00 26.68 -3.01
CA GLY A 130 -1.74 25.45 -3.34
C GLY A 130 -1.33 24.95 -4.72
N GLY A 131 -1.94 23.83 -5.09
CA GLY A 131 -1.62 23.21 -6.38
C GLY A 131 -2.45 21.95 -6.57
N ILE A 132 -2.04 21.21 -7.61
CA ILE A 132 -2.81 20.06 -8.10
C ILE A 132 -1.84 18.89 -8.33
N ILE A 133 -2.23 17.71 -7.80
CA ILE A 133 -1.41 16.51 -8.02
C ILE A 133 -2.26 15.43 -8.73
N ALA A 134 -1.64 14.92 -9.81
CA ALA A 134 -2.20 13.76 -10.53
C ALA A 134 -1.28 12.56 -10.30
N ASN A 135 -1.83 11.55 -9.60
CA ASN A 135 -1.03 10.36 -9.28
C ASN A 135 -1.40 9.23 -10.25
N ILE A 136 -0.40 8.70 -10.95
CA ILE A 136 -0.67 7.50 -11.75
C ILE A 136 -0.69 6.27 -10.81
N CYS A 137 -1.87 5.77 -10.54
CA CYS A 137 -1.98 4.58 -9.67
C CYS A 137 -2.16 3.40 -10.62
N SER A 138 -3.32 2.76 -10.59
CA SER A 138 -3.53 1.54 -11.41
C SER A 138 -4.86 0.92 -11.04
N VAL A 139 -5.56 0.29 -11.97
CA VAL A 139 -6.74 -0.50 -11.65
C VAL A 139 -6.40 -1.68 -10.72
N THR A 140 -5.15 -2.11 -10.70
CA THR A 140 -4.72 -3.15 -9.77
C THR A 140 -4.78 -2.69 -8.33
N GLY A 141 -4.86 -1.39 -8.05
CA GLY A 141 -5.17 -0.89 -6.73
C GLY A 141 -6.59 -1.02 -6.28
N PHE A 142 -7.52 -1.29 -7.21
CA PHE A 142 -8.89 -1.63 -6.86
C PHE A 142 -9.01 -3.13 -6.64
N ASN A 143 -8.50 -3.90 -7.58
CA ASN A 143 -8.64 -5.35 -7.66
C ASN A 143 -7.35 -5.89 -8.22
N ALA A 144 -6.59 -6.68 -7.46
CA ALA A 144 -5.24 -6.99 -7.83
C ALA A 144 -5.07 -7.86 -9.08
N ILE A 145 -3.91 -7.82 -9.73
CA ILE A 145 -3.39 -9.00 -10.42
C ILE A 145 -2.73 -9.82 -9.32
N HIS A 146 -3.40 -10.89 -8.88
CA HIS A 146 -2.89 -11.56 -7.67
C HIS A 146 -1.61 -12.33 -7.90
N GLN A 147 -1.19 -12.60 -9.13
CA GLN A 147 0.11 -13.12 -9.46
C GLN A 147 1.28 -12.16 -9.27
N VAL A 148 0.96 -10.85 -9.18
CA VAL A 148 1.90 -9.82 -8.75
C VAL A 148 1.31 -9.10 -7.56
N PRO A 149 1.24 -9.76 -6.40
CA PRO A 149 0.57 -9.26 -5.23
C PRO A 149 1.31 -8.08 -4.60
N VAL A 150 2.63 -8.03 -4.72
CA VAL A 150 3.34 -6.85 -4.14
C VAL A 150 3.12 -5.62 -4.99
N TYR A 151 3.32 -5.75 -6.31
CA TYR A 151 2.98 -4.62 -7.20
C TYR A 151 1.57 -4.15 -6.97
N SER A 152 0.59 -5.04 -6.96
CA SER A 152 -0.80 -4.64 -6.83
C SER A 152 -1.04 -3.93 -5.51
N ALA A 153 -0.47 -4.45 -4.41
CA ALA A 153 -0.62 -3.82 -3.10
C ALA A 153 0.03 -2.43 -3.05
N SER A 154 1.14 -2.25 -3.73
CA SER A 154 1.78 -0.91 -3.83
C SER A 154 0.83 0.06 -4.51
N LYS A 155 0.07 -0.37 -5.51
CA LYS A 155 -0.90 0.50 -6.17
C LYS A 155 -2.12 0.69 -5.33
N ALA A 156 -2.62 -0.29 -4.56
CA ALA A 156 -3.69 -0.04 -3.62
C ALA A 156 -3.29 1.06 -2.64
N ALA A 157 -2.06 1.06 -2.19
CA ALA A 157 -1.57 2.07 -1.26
C ALA A 157 -1.67 3.48 -1.89
N VAL A 158 -1.27 3.63 -3.15
CA VAL A 158 -1.29 5.00 -3.70
C VAL A 158 -2.70 5.39 -4.11
N VAL A 159 -3.64 4.52 -4.44
CA VAL A 159 -5.05 4.90 -4.58
C VAL A 159 -5.54 5.50 -3.27
N SER A 160 -5.31 4.81 -2.14
CA SER A 160 -5.69 5.30 -0.82
C SER A 160 -5.02 6.64 -0.52
N PHE A 161 -3.74 6.73 -0.70
CA PHE A 161 -3.02 7.98 -0.41
C PHE A 161 -3.63 9.15 -1.19
N THR A 162 -3.95 8.93 -2.45
CA THR A 162 -4.52 10.00 -3.28
C THR A 162 -5.90 10.38 -2.81
N ASN A 163 -6.75 9.44 -2.42
CA ASN A 163 -8.03 9.74 -1.80
C ASN A 163 -7.85 10.65 -0.59
N SER A 164 -6.88 10.35 0.25
CA SER A 164 -6.64 11.15 1.46
C SER A 164 -6.10 12.54 1.09
N LEU A 165 -5.20 12.68 0.14
CA LEU A 165 -4.75 14.01 -0.27
C LEU A 165 -5.95 14.88 -0.64
N ALA A 166 -6.88 14.37 -1.42
CA ALA A 166 -8.04 15.16 -1.85
C ALA A 166 -8.84 15.63 -0.66
N LYS A 167 -9.02 14.78 0.36
CA LYS A 167 -9.73 15.19 1.57
C LYS A 167 -8.94 16.17 2.43
N LEU A 168 -7.65 16.36 2.23
CA LEU A 168 -6.83 17.31 2.95
C LEU A 168 -6.67 18.63 2.21
N ALA A 169 -7.26 18.73 1.00
CA ALA A 169 -7.17 19.97 0.24
C ALA A 169 -7.69 21.21 0.94
N PRO A 170 -8.75 21.15 1.73
CA PRO A 170 -9.18 22.32 2.50
C PRO A 170 -8.12 22.81 3.46
N ILE A 171 -7.20 22.00 3.94
CA ILE A 171 -6.13 22.35 4.86
C ILE A 171 -4.86 22.74 4.16
N THR A 172 -4.43 22.00 3.12
CA THR A 172 -3.16 22.24 2.45
C THR A 172 -3.24 23.18 1.25
N GLY A 173 -4.43 23.27 0.64
CA GLY A 173 -4.55 23.93 -0.65
C GLY A 173 -4.21 23.08 -1.86
N VAL A 174 -3.86 21.80 -1.64
CA VAL A 174 -3.39 20.94 -2.74
C VAL A 174 -4.48 19.91 -3.03
N THR A 175 -5.08 20.01 -4.21
CA THR A 175 -6.02 18.99 -4.66
C THR A 175 -5.31 17.82 -5.35
N ALA A 176 -6.03 16.71 -5.48
CA ALA A 176 -5.38 15.52 -6.06
C ALA A 176 -6.46 14.57 -6.62
N TYR A 177 -6.05 13.82 -7.63
CA TYR A 177 -6.92 12.77 -8.20
C TYR A 177 -6.02 11.66 -8.74
N SER A 178 -6.65 10.47 -8.83
CA SER A 178 -5.85 9.34 -9.32
C SER A 178 -6.19 9.03 -10.79
N ILE A 179 -5.16 8.63 -11.51
CA ILE A 179 -5.24 8.17 -12.88
C ILE A 179 -4.94 6.66 -12.84
N ASN A 180 -5.94 5.85 -13.17
CA ASN A 180 -5.80 4.38 -13.01
C ASN A 180 -6.01 3.68 -14.36
N PRO A 181 -4.93 3.49 -15.09
CA PRO A 181 -5.00 2.77 -16.37
C PRO A 181 -5.39 1.32 -16.14
N GLY A 182 -6.13 0.75 -17.07
CA GLY A 182 -6.22 -0.72 -17.21
C GLY A 182 -5.03 -1.17 -18.05
N ILE A 183 -5.05 -2.41 -18.55
CA ILE A 183 -3.84 -2.96 -19.16
C ILE A 183 -3.53 -2.20 -20.45
N THR A 184 -2.32 -1.67 -20.53
CA THR A 184 -1.87 -0.79 -21.60
C THR A 184 -0.57 -1.31 -22.20
N ARG A 185 -0.47 -1.45 -23.51
N ARG A 185 -0.45 -1.41 -23.51
CA ARG A 185 0.70 -2.10 -24.08
CA ARG A 185 0.69 -2.09 -24.11
C ARG A 185 1.91 -1.19 -24.08
C ARG A 185 1.96 -1.25 -24.13
N THR A 186 2.81 -1.45 -23.12
CA THR A 186 4.04 -0.72 -22.92
C THR A 186 5.10 -1.72 -22.51
N PRO A 187 6.36 -1.29 -22.37
CA PRO A 187 7.43 -2.17 -21.95
C PRO A 187 7.29 -2.71 -20.54
N LEU A 188 6.43 -2.15 -19.70
CA LEU A 188 6.15 -2.65 -18.37
C LEU A 188 5.55 -4.05 -18.38
N VAL A 189 4.67 -4.36 -19.33
CA VAL A 189 3.83 -5.55 -19.25
C VAL A 189 4.20 -6.67 -20.22
N HIS A 190 5.24 -6.53 -21.02
CA HIS A 190 5.46 -7.57 -22.05
C HIS A 190 6.20 -8.76 -21.46
N THR A 191 7.10 -8.49 -20.54
CA THR A 191 7.88 -9.50 -19.83
C THR A 191 7.95 -9.06 -18.36
N PHE A 192 7.51 -9.86 -17.39
CA PHE A 192 7.75 -9.48 -16.00
C PHE A 192 7.65 -10.66 -15.04
N ASN A 193 8.14 -10.46 -13.82
CA ASN A 193 8.28 -11.53 -12.85
C ASN A 193 7.13 -11.57 -11.87
N SER A 194 6.55 -12.73 -11.63
CA SER A 194 5.54 -12.96 -10.60
C SER A 194 6.17 -13.30 -9.25
N TRP A 195 5.42 -13.01 -8.19
CA TRP A 195 5.93 -13.30 -6.83
C TRP A 195 6.20 -14.78 -6.60
N LEU A 196 7.42 -15.08 -6.21
CA LEU A 196 7.86 -16.47 -5.98
C LEU A 196 7.58 -17.31 -7.21
N ASP A 197 7.63 -16.75 -8.41
CA ASP A 197 7.28 -17.43 -9.63
C ASP A 197 6.00 -18.23 -9.55
N VAL A 198 4.94 -17.72 -8.93
CA VAL A 198 3.66 -18.38 -8.88
C VAL A 198 3.10 -18.58 -10.28
N GLU A 199 3.37 -17.65 -11.20
CA GLU A 199 2.88 -17.78 -12.56
C GLU A 199 3.90 -17.27 -13.55
N PRO A 200 4.80 -18.13 -14.04
CA PRO A 200 5.83 -17.78 -14.98
C PRO A 200 5.29 -17.26 -16.31
N ARG A 201 4.04 -17.56 -16.64
CA ARG A 201 3.41 -17.11 -17.86
C ARG A 201 2.56 -15.86 -17.69
N VAL A 202 2.78 -15.10 -16.61
CA VAL A 202 1.82 -14.06 -16.27
C VAL A 202 1.65 -13.02 -17.37
N ALA A 203 2.73 -12.58 -18.00
CA ALA A 203 2.62 -11.58 -19.06
C ALA A 203 1.87 -12.13 -20.27
N GLU A 204 2.20 -13.34 -20.70
CA GLU A 204 1.53 -13.99 -21.81
C GLU A 204 0.03 -14.09 -21.59
N LEU A 205 -0.36 -14.56 -20.40
CA LEU A 205 -1.76 -14.72 -20.04
C LEU A 205 -2.50 -13.40 -19.94
N LEU A 206 -1.84 -12.42 -19.29
CA LEU A 206 -2.48 -11.12 -19.16
C LEU A 206 -2.79 -10.48 -20.51
N LEU A 207 -1.82 -10.58 -21.42
CA LEU A 207 -1.94 -10.01 -22.76
C LEU A 207 -2.72 -10.87 -23.75
N SER A 208 -3.29 -11.98 -23.30
CA SER A 208 -4.29 -12.73 -24.04
C SER A 208 -5.70 -12.16 -23.91
N HIS A 209 -5.88 -11.07 -23.19
CA HIS A 209 -7.17 -10.45 -22.94
C HIS A 209 -7.09 -9.00 -23.45
N PRO A 210 -8.22 -8.33 -23.54
CA PRO A 210 -8.27 -7.03 -24.21
C PRO A 210 -7.39 -6.01 -23.51
N THR A 211 -6.76 -5.16 -24.32
CA THR A 211 -5.88 -4.10 -23.83
C THR A 211 -6.23 -2.79 -24.52
N GLN A 212 -5.58 -1.71 -24.10
CA GLN A 212 -5.60 -0.44 -24.87
C GLN A 212 -4.18 -0.06 -25.23
N THR A 213 -4.04 0.91 -26.15
CA THR A 213 -2.72 1.42 -26.52
C THR A 213 -2.33 2.55 -25.57
N SER A 214 -1.03 2.82 -25.53
CA SER A 214 -0.57 3.94 -24.71
C SER A 214 -1.02 5.27 -25.30
N GLU A 215 -1.24 5.33 -26.62
CA GLU A 215 -1.81 6.55 -27.21
C GLU A 215 -3.20 6.81 -26.71
N GLN A 216 -4.08 5.81 -26.71
CA GLN A 216 -5.41 5.90 -26.14
C GLN A 216 -5.40 6.36 -24.69
N CYS A 217 -4.52 5.73 -23.89
CA CYS A 217 -4.39 6.10 -22.49
C CYS A 217 -4.01 7.57 -22.34
N GLY A 218 -3.00 7.97 -23.10
CA GLY A 218 -2.50 9.35 -23.00
C GLY A 218 -3.54 10.38 -23.37
N GLN A 219 -4.34 10.11 -24.41
CA GLN A 219 -5.45 11.01 -24.75
C GLN A 219 -6.42 11.17 -23.61
N ASN A 220 -6.88 10.07 -22.98
CA ASN A 220 -7.80 10.13 -21.86
C ASN A 220 -7.16 10.73 -20.61
N PHE A 221 -5.86 10.53 -20.45
CA PHE A 221 -5.15 11.12 -19.30
C PHE A 221 -5.22 12.64 -19.38
N VAL A 222 -4.99 13.20 -20.57
CA VAL A 222 -5.10 14.66 -20.67
C VAL A 222 -6.51 15.15 -20.51
N LYS A 223 -7.54 14.43 -20.98
CA LYS A 223 -8.92 14.76 -20.68
C LYS A 223 -9.18 14.77 -19.18
N ALA A 224 -8.65 13.77 -18.45
CA ALA A 224 -8.87 13.76 -17.00
C ALA A 224 -8.21 14.94 -16.29
N ILE A 225 -7.01 15.30 -16.75
CA ILE A 225 -6.36 16.52 -16.22
C ILE A 225 -7.20 17.78 -16.50
N GLU A 226 -7.74 17.88 -17.73
CA GLU A 226 -8.61 19.02 -18.01
C GLU A 226 -9.89 19.05 -17.21
N ALA A 227 -10.46 17.92 -16.80
CA ALA A 227 -11.61 17.89 -15.93
C ALA A 227 -11.30 18.46 -14.54
N ASN A 228 -10.07 18.23 -14.09
CA ASN A 228 -9.58 18.82 -12.85
C ASN A 228 -10.52 18.64 -11.67
N LYS A 229 -10.82 17.39 -11.31
CA LYS A 229 -11.78 17.07 -10.27
C LYS A 229 -11.06 16.49 -9.05
N ASN A 230 -10.92 17.31 -8.02
CA ASN A 230 -10.34 16.88 -6.74
C ASN A 230 -11.11 15.68 -6.21
N GLY A 231 -10.35 14.60 -5.93
CA GLY A 231 -10.98 13.42 -5.34
C GLY A 231 -11.49 12.45 -6.39
N ALA A 232 -11.39 12.77 -7.69
CA ALA A 232 -11.80 11.81 -8.70
C ALA A 232 -10.86 10.60 -8.69
N ILE A 233 -11.50 9.46 -8.98
CA ILE A 233 -10.80 8.19 -9.14
C ILE A 233 -11.03 7.74 -10.59
N TRP A 234 -10.11 8.11 -11.46
CA TRP A 234 -10.33 7.90 -12.88
C TRP A 234 -9.85 6.54 -13.35
N LYS A 235 -10.74 5.85 -14.07
CA LYS A 235 -10.34 4.58 -14.72
C LYS A 235 -10.13 4.79 -16.21
N LEU A 236 -8.99 4.42 -16.74
CA LEU A 236 -8.60 4.60 -18.13
C LEU A 236 -8.28 3.19 -18.70
N ASP A 237 -9.40 2.64 -19.21
CA ASP A 237 -9.43 1.22 -19.54
C ASP A 237 -10.16 1.01 -20.87
N LEU A 238 -9.50 0.22 -21.70
CA LEU A 238 -10.07 -0.16 -23.00
C LEU A 238 -10.47 1.07 -23.81
N GLY A 239 -9.63 2.11 -23.75
CA GLY A 239 -9.84 3.31 -24.55
C GLY A 239 -10.84 4.29 -24.02
N THR A 240 -11.45 4.10 -22.85
CA THR A 240 -12.45 5.03 -22.33
C THR A 240 -11.94 5.71 -21.05
N LEU A 241 -12.65 6.75 -20.64
CA LEU A 241 -12.43 7.46 -19.40
C LEU A 241 -13.69 7.42 -18.56
N GLU A 242 -13.61 6.86 -17.36
CA GLU A 242 -14.74 6.72 -16.46
C GLU A 242 -14.33 7.06 -15.03
N ALA A 243 -15.18 7.68 -14.24
CA ALA A 243 -14.89 7.91 -12.83
C ALA A 243 -15.51 6.78 -12.01
N ILE A 244 -14.81 6.27 -10.99
CA ILE A 244 -15.47 5.24 -10.17
C ILE A 244 -15.85 5.83 -8.81
N GLU A 245 -16.83 5.20 -8.18
CA GLU A 245 -17.31 5.55 -6.86
C GLU A 245 -16.65 4.66 -5.80
N TRP A 246 -15.91 5.27 -4.90
CA TRP A 246 -15.27 4.52 -3.83
C TRP A 246 -16.28 3.97 -2.83
N THR A 247 -16.20 2.67 -2.51
CA THR A 247 -17.15 2.09 -1.57
C THR A 247 -16.89 2.57 -0.15
N LYS A 248 -17.96 2.96 0.53
CA LYS A 248 -17.87 3.36 1.94
C LYS A 248 -18.11 2.16 2.86
N HIS A 249 -17.04 1.48 3.20
CA HIS A 249 -17.09 0.32 4.08
C HIS A 249 -17.04 0.79 5.54
N TRP A 250 -16.38 1.90 5.80
CA TRP A 250 -16.13 2.37 7.16
C TRP A 250 -15.97 3.88 7.14
N ASP A 251 -16.24 4.52 8.27
CA ASP A 251 -16.07 5.96 8.40
C ASP A 251 -15.45 6.26 9.76
N SER A 252 -14.36 7.01 9.78
CA SER A 252 -13.72 7.42 11.02
C SER A 252 -14.56 8.44 11.78
N HIS A 253 -15.45 9.12 11.07
CA HIS A 253 -16.27 10.22 11.58
C HIS A 253 -15.48 11.48 11.82
N ILE A 254 -14.21 11.56 11.44
CA ILE A 254 -13.42 12.77 11.56
C ILE A 254 -12.90 13.22 10.20
N MET B 1 -11.28 -24.38 11.84
CA MET B 1 -10.01 -24.60 12.52
C MET B 1 -10.29 -24.94 13.98
N ASP B 2 -9.92 -26.14 14.38
CA ASP B 2 -9.85 -26.53 15.79
C ASP B 2 -8.46 -26.25 16.33
N LEU B 3 -8.36 -25.30 17.26
CA LEU B 3 -7.05 -24.82 17.72
C LEU B 3 -6.39 -25.80 18.68
N THR B 4 -7.15 -26.76 19.19
CA THR B 4 -6.60 -27.82 20.03
C THR B 4 -5.37 -28.43 19.41
N ASN B 5 -4.27 -28.43 20.18
CA ASN B 5 -3.00 -29.01 19.83
C ASN B 5 -2.33 -28.47 18.58
N LYS B 6 -2.67 -27.23 18.18
CA LYS B 6 -2.03 -26.54 17.08
C LYS B 6 -0.81 -25.72 17.49
N ASN B 7 0.03 -25.44 16.50
CA ASN B 7 1.23 -24.63 16.64
C ASN B 7 1.05 -23.28 15.92
N VAL B 8 1.16 -22.21 16.68
CA VAL B 8 0.83 -20.87 16.14
C VAL B 8 2.02 -19.92 16.36
N ILE B 9 2.39 -19.17 15.33
CA ILE B 9 3.36 -18.11 15.44
C ILE B 9 2.57 -16.78 15.37
N PHE B 10 2.76 -15.92 16.36
CA PHE B 10 2.14 -14.60 16.33
C PHE B 10 3.21 -13.52 16.43
N VAL B 11 3.40 -12.81 15.31
CA VAL B 11 4.25 -11.63 15.23
C VAL B 11 3.48 -10.44 15.80
N ALA B 12 4.04 -9.83 16.84
CA ALA B 12 3.50 -8.67 17.51
C ALA B 12 2.34 -9.03 18.41
N ALA B 13 2.55 -10.11 19.19
CA ALA B 13 1.50 -10.66 20.04
C ALA B 13 1.32 -9.90 21.34
N LEU B 14 2.22 -8.98 21.73
CA LEU B 14 2.11 -8.45 23.09
C LEU B 14 1.68 -6.98 23.13
N GLY B 15 1.28 -6.42 22.00
CA GLY B 15 0.63 -5.10 21.98
C GLY B 15 -0.81 -5.13 22.48
N GLY B 16 -1.54 -4.02 22.34
CA GLY B 16 -2.90 -3.93 22.86
C GLY B 16 -3.84 -4.99 22.32
N ILE B 17 -4.13 -4.97 21.02
CA ILE B 17 -4.95 -6.00 20.40
C ILE B 17 -4.29 -7.38 20.49
N GLY B 18 -3.00 -7.45 20.21
CA GLY B 18 -2.28 -8.71 20.27
C GLY B 18 -2.52 -9.41 21.61
N LEU B 19 -2.25 -8.71 22.70
CA LEU B 19 -2.25 -9.36 24.01
C LEU B 19 -3.62 -9.90 24.37
N ASP B 20 -4.70 -9.16 24.11
CA ASP B 20 -6.04 -9.69 24.33
C ASP B 20 -6.39 -10.81 23.37
N THR B 21 -5.89 -10.80 22.15
CA THR B 21 -6.07 -11.93 21.25
C THR B 21 -5.28 -13.13 21.75
N SER B 22 -4.06 -12.88 22.20
CA SER B 22 -3.23 -13.91 22.81
C SER B 22 -3.86 -14.56 24.05
N ARG B 23 -4.47 -13.77 24.93
CA ARG B 23 -5.19 -14.36 26.06
C ARG B 23 -6.28 -15.31 25.60
N GLU B 24 -7.06 -14.94 24.59
CA GLU B 24 -8.11 -15.80 24.06
C GLU B 24 -7.54 -17.04 23.40
N LEU B 25 -6.47 -16.92 22.61
CA LEU B 25 -5.88 -18.06 21.94
C LEU B 25 -5.39 -19.13 22.91
N VAL B 26 -4.70 -18.72 23.97
CA VAL B 26 -4.13 -19.71 24.90
C VAL B 26 -5.18 -20.37 25.77
N LYS B 27 -6.38 -19.83 25.90
CA LYS B 27 -7.54 -20.56 26.41
C LYS B 27 -7.91 -21.79 25.57
N ARG B 28 -7.58 -21.86 24.30
CA ARG B 28 -8.02 -22.89 23.39
C ARG B 28 -7.10 -24.09 23.30
N ASN B 29 -6.11 -24.24 24.15
CA ASN B 29 -5.40 -25.50 24.32
C ASN B 29 -4.46 -25.81 23.16
N LEU B 30 -3.75 -24.76 22.72
CA LEU B 30 -2.67 -24.89 21.75
C LEU B 30 -1.56 -25.81 22.26
N LYS B 31 -0.83 -26.41 21.34
CA LYS B 31 0.40 -27.12 21.71
C LYS B 31 1.51 -26.12 21.96
N ASN B 32 1.80 -25.30 20.94
CA ASN B 32 2.84 -24.29 21.03
C ASN B 32 2.30 -22.91 20.61
N PHE B 33 2.62 -21.90 21.42
CA PHE B 33 2.33 -20.51 21.00
C PHE B 33 3.64 -19.75 20.94
N VAL B 34 4.07 -19.35 19.75
CA VAL B 34 5.38 -18.75 19.56
C VAL B 34 5.21 -17.25 19.29
N ILE B 35 5.70 -16.41 20.18
CA ILE B 35 5.57 -14.96 20.09
C ILE B 35 6.85 -14.34 19.55
N LEU B 36 6.71 -13.56 18.47
CA LEU B 36 7.82 -12.88 17.82
C LEU B 36 7.54 -11.38 17.97
N ASP B 37 8.31 -10.64 18.75
CA ASP B 37 8.00 -9.22 18.92
C ASP B 37 9.31 -8.43 19.02
N ARG B 38 9.23 -7.15 18.70
CA ARG B 38 10.43 -6.33 18.59
C ARG B 38 11.01 -6.04 19.98
N VAL B 39 10.12 -5.90 20.96
CA VAL B 39 10.61 -5.65 22.32
C VAL B 39 10.09 -6.74 23.25
N GLU B 40 10.89 -7.02 24.27
N GLU B 40 10.89 -7.03 24.27
CA GLU B 40 10.46 -7.90 25.35
CA GLU B 40 10.46 -7.92 25.34
C GLU B 40 9.42 -7.25 26.25
C GLU B 40 9.42 -7.26 26.24
N ASN B 41 8.50 -8.08 26.74
CA ASN B 41 7.51 -7.64 27.70
C ASN B 41 7.34 -8.72 28.76
N PRO B 42 8.19 -8.70 29.78
CA PRO B 42 8.32 -9.84 30.66
C PRO B 42 7.04 -10.11 31.42
N THR B 43 6.33 -9.08 31.85
CA THR B 43 5.10 -9.25 32.61
C THR B 43 3.97 -9.81 31.76
N ALA B 44 3.84 -9.33 30.52
CA ALA B 44 2.82 -9.90 29.64
C ALA B 44 3.12 -11.39 29.37
N LEU B 45 4.38 -11.72 29.12
CA LEU B 45 4.79 -13.09 28.85
C LEU B 45 4.46 -14.00 30.04
N ALA B 46 4.88 -13.57 31.23
CA ALA B 46 4.59 -14.31 32.44
C ALA B 46 3.09 -14.49 32.64
N GLU B 47 2.28 -13.47 32.48
CA GLU B 47 0.83 -13.57 32.55
C GLU B 47 0.28 -14.60 31.57
N LEU B 48 0.69 -14.54 30.30
CA LEU B 48 0.22 -15.51 29.32
C LEU B 48 0.57 -16.93 29.74
N LYS B 49 1.80 -17.16 30.19
CA LYS B 49 2.27 -18.49 30.57
C LYS B 49 1.44 -19.04 31.73
N ALA B 50 0.95 -18.22 32.64
CA ALA B 50 0.09 -18.64 33.72
C ALA B 50 -1.33 -19.01 33.34
N ILE B 51 -1.87 -18.50 32.24
CA ILE B 51 -3.27 -18.78 31.89
C ILE B 51 -3.52 -20.26 31.63
N ASN B 52 -2.68 -20.90 30.84
CA ASN B 52 -2.82 -22.32 30.50
C ASN B 52 -1.44 -22.97 30.45
N PRO B 53 -0.92 -23.42 31.61
CA PRO B 53 0.47 -23.77 31.80
C PRO B 53 0.94 -24.90 30.91
N LYS B 54 -0.03 -25.71 30.51
CA LYS B 54 0.18 -26.71 29.47
C LYS B 54 0.47 -26.13 28.11
N VAL B 55 0.00 -24.98 27.67
CA VAL B 55 0.55 -24.46 26.42
C VAL B 55 2.04 -24.20 26.57
N ASN B 56 2.84 -24.60 25.60
CA ASN B 56 4.24 -24.19 25.47
C ASN B 56 4.36 -22.79 24.84
N ILE B 57 4.68 -21.79 25.64
CA ILE B 57 4.86 -20.43 25.11
C ILE B 57 6.33 -20.09 25.01
N THR B 58 6.80 -19.67 23.84
CA THR B 58 8.17 -19.28 23.61
C THR B 58 8.20 -17.86 23.00
C THR B 58 8.19 -17.86 23.01
N PHE B 59 9.21 -17.10 23.37
CA PHE B 59 9.36 -15.72 22.91
C PHE B 59 10.65 -15.59 22.14
N HIS B 60 10.64 -14.93 20.98
CA HIS B 60 11.83 -14.59 20.22
C HIS B 60 11.79 -13.10 19.87
N THR B 61 12.88 -12.40 20.11
CA THR B 61 12.98 -11.01 19.61
C THR B 61 13.00 -11.04 18.09
N TYR B 62 12.18 -10.17 17.48
CA TYR B 62 12.04 -10.14 16.03
C TYR B 62 11.61 -8.75 15.58
N ASP B 63 12.41 -8.19 14.71
CA ASP B 63 12.02 -6.91 14.08
C ASP B 63 11.67 -7.20 12.63
N VAL B 64 10.44 -6.83 12.23
CA VAL B 64 9.98 -7.16 10.88
C VAL B 64 10.72 -6.39 9.79
N THR B 65 11.56 -5.40 10.11
CA THR B 65 12.31 -4.66 9.11
C THR B 65 13.63 -5.31 8.74
N VAL B 66 13.95 -6.48 9.31
CA VAL B 66 15.13 -7.20 8.85
C VAL B 66 14.93 -7.79 7.46
N PRO B 67 16.01 -8.07 6.75
CA PRO B 67 15.95 -8.68 5.44
C PRO B 67 15.29 -10.05 5.50
N VAL B 68 14.71 -10.48 4.38
CA VAL B 68 14.04 -11.77 4.30
C VAL B 68 14.94 -12.95 4.67
N ALA B 69 16.22 -12.94 4.31
CA ALA B 69 17.14 -14.00 4.73
C ALA B 69 17.21 -14.15 6.24
N GLU B 70 17.18 -13.06 7.00
CA GLU B 70 17.20 -13.10 8.45
C GLU B 70 15.90 -13.67 9.01
N SER B 71 14.74 -13.33 8.41
CA SER B 71 13.49 -13.96 8.81
C SER B 71 13.49 -15.47 8.56
N LYS B 72 13.98 -15.89 7.39
CA LYS B 72 14.11 -17.32 7.13
C LYS B 72 14.99 -18.02 8.15
N LYS B 73 16.08 -17.43 8.58
CA LYS B 73 16.93 -18.03 9.61
C LYS B 73 16.19 -18.26 10.93
N LEU B 74 15.41 -17.30 11.40
CA LEU B 74 14.62 -17.40 12.60
C LEU B 74 13.54 -18.46 12.47
N LEU B 75 12.84 -18.46 11.31
CA LEU B 75 11.80 -19.45 11.09
C LEU B 75 12.37 -20.86 11.05
N LYS B 76 13.55 -21.03 10.47
CA LYS B 76 14.21 -22.33 10.48
C LYS B 76 14.46 -22.80 11.91
N LYS B 77 14.91 -21.92 12.80
CA LYS B 77 15.05 -22.28 14.21
C LYS B 77 13.76 -22.78 14.84
N ILE B 78 12.64 -22.13 14.57
CA ILE B 78 11.34 -22.47 15.08
C ILE B 78 10.82 -23.77 14.49
N PHE B 79 10.93 -23.93 13.18
CA PHE B 79 10.41 -25.13 12.52
C PHE B 79 11.21 -26.35 12.97
N ASP B 80 12.51 -26.20 13.20
CA ASP B 80 13.33 -27.30 13.71
C ASP B 80 12.89 -27.75 15.09
N GLN B 81 12.46 -26.85 15.96
CA GLN B 81 11.93 -27.19 17.26
C GLN B 81 10.54 -27.82 17.18
N LEU B 82 9.64 -27.20 16.42
CA LEU B 82 8.22 -27.53 16.48
C LEU B 82 7.85 -28.58 15.43
N LYS B 83 8.62 -28.65 14.36
CA LYS B 83 8.40 -29.47 13.19
C LYS B 83 7.35 -28.90 12.24
N THR B 84 6.17 -28.65 12.77
CA THR B 84 5.06 -28.13 11.98
C THR B 84 4.63 -26.80 12.59
N VAL B 85 4.14 -25.88 11.75
CA VAL B 85 3.42 -24.69 12.19
C VAL B 85 2.08 -24.64 11.44
N ASP B 86 1.00 -24.37 12.15
CA ASP B 86 -0.33 -24.41 11.53
C ASP B 86 -0.75 -23.02 11.06
N ILE B 87 -0.46 -22.00 11.86
CA ILE B 87 -0.99 -20.65 11.58
C ILE B 87 0.12 -19.63 11.81
N LEU B 88 0.28 -18.68 10.90
CA LEU B 88 1.10 -17.48 11.13
C LEU B 88 0.19 -16.26 11.26
N ILE B 89 0.33 -15.51 12.34
CA ILE B 89 -0.43 -14.27 12.51
C ILE B 89 0.55 -13.09 12.38
N ASN B 90 0.36 -12.26 11.37
CA ASN B 90 1.22 -11.10 11.15
C ASN B 90 0.57 -9.85 11.71
N GLY B 91 1.05 -9.35 12.85
CA GLY B 91 0.39 -8.27 13.55
C GLY B 91 1.21 -7.00 13.73
N ALA B 92 2.38 -6.86 13.16
CA ALA B 92 3.22 -5.68 13.51
C ALA B 92 2.62 -4.41 12.92
N GLY B 93 2.56 -3.33 13.69
CA GLY B 93 2.20 -2.03 13.09
C GLY B 93 2.65 -0.88 13.97
N ILE B 94 2.97 0.25 13.31
CA ILE B 94 3.13 1.51 14.03
C ILE B 94 2.19 2.55 13.40
N LEU B 95 1.90 3.58 14.18
CA LEU B 95 1.06 4.70 13.75
C LEU B 95 1.77 6.00 14.08
N ASP B 96 2.39 6.61 13.09
CA ASP B 96 3.22 7.80 13.24
C ASP B 96 3.56 8.30 11.83
N ASP B 97 2.73 9.24 11.35
CA ASP B 97 2.94 9.73 9.98
C ASP B 97 4.02 10.78 9.86
N HIS B 98 4.80 11.05 10.92
CA HIS B 98 6.11 11.67 10.83
C HIS B 98 7.22 10.70 10.43
N GLN B 99 6.94 9.39 10.45
CA GLN B 99 7.93 8.37 10.10
C GLN B 99 7.44 7.65 8.86
N ILE B 100 7.57 8.29 7.71
CA ILE B 100 7.01 7.78 6.46
C ILE B 100 7.68 6.46 6.12
N GLU B 101 8.99 6.43 5.98
CA GLU B 101 9.70 5.23 5.57
C GLU B 101 9.44 4.08 6.54
N ARG B 102 9.52 4.36 7.84
CA ARG B 102 9.44 3.27 8.83
C ARG B 102 8.01 2.78 8.91
N THR B 103 6.98 3.62 8.77
CA THR B 103 5.59 3.17 8.66
C THR B 103 5.44 2.13 7.56
N ILE B 104 5.96 2.47 6.39
CA ILE B 104 5.83 1.58 5.22
C ILE B 104 6.67 0.33 5.46
N ALA B 105 7.85 0.44 6.02
CA ALA B 105 8.70 -0.73 6.28
C ALA B 105 8.05 -1.69 7.27
N ILE B 106 7.40 -1.20 8.31
CA ILE B 106 6.84 -2.08 9.34
C ILE B 106 5.52 -2.64 8.88
N ASN B 107 4.62 -1.76 8.39
CA ASN B 107 3.23 -2.12 8.23
C ASN B 107 2.98 -2.90 6.93
N PHE B 108 3.82 -2.65 5.94
CA PHE B 108 3.60 -3.23 4.60
C PHE B 108 4.77 -4.12 4.24
N THR B 109 5.97 -3.60 4.03
CA THR B 109 7.11 -4.39 3.59
C THR B 109 7.37 -5.55 4.55
N GLY B 110 7.34 -5.29 5.85
CA GLY B 110 7.72 -6.31 6.83
C GLY B 110 6.71 -7.45 6.79
N LEU B 111 5.43 -7.20 6.65
CA LEU B 111 4.41 -8.24 6.58
C LEU B 111 4.60 -9.06 5.31
N VAL B 112 4.90 -8.42 4.20
CA VAL B 112 5.18 -9.14 2.95
C VAL B 112 6.40 -10.02 3.12
N ASN B 113 7.46 -9.51 3.76
CA ASN B 113 8.67 -10.30 3.91
C ASN B 113 8.54 -11.46 4.90
N THR B 114 7.80 -11.33 5.98
CA THR B 114 7.59 -12.50 6.86
C THR B 114 6.81 -13.57 6.12
N THR B 115 5.76 -13.16 5.40
CA THR B 115 5.02 -14.09 4.53
C THR B 115 5.93 -14.75 3.52
N THR B 116 6.74 -14.01 2.80
CA THR B 116 7.64 -14.54 1.80
C THR B 116 8.59 -15.56 2.43
N ALA B 117 9.12 -15.23 3.60
CA ALA B 117 10.00 -16.16 4.32
C ALA B 117 9.28 -17.45 4.69
N ILE B 118 8.10 -17.39 5.28
CA ILE B 118 7.44 -18.62 5.72
C ILE B 118 7.01 -19.46 4.53
N LEU B 119 6.79 -18.91 3.35
CA LEU B 119 6.56 -19.70 2.14
C LEU B 119 7.72 -20.62 1.81
N ASP B 120 8.95 -20.32 2.19
CA ASP B 120 10.07 -21.24 2.08
C ASP B 120 9.78 -22.57 2.79
N PHE B 121 9.03 -22.61 3.87
CA PHE B 121 8.76 -23.80 4.66
C PHE B 121 7.44 -24.45 4.33
N TRP B 122 6.54 -23.72 3.65
CA TRP B 122 5.16 -24.18 3.51
C TRP B 122 4.78 -24.48 2.06
N ASP B 123 5.46 -23.83 1.12
CA ASP B 123 5.06 -23.90 -0.29
C ASP B 123 4.93 -25.35 -0.72
N LYS B 124 3.74 -25.71 -1.17
CA LYS B 124 3.48 -27.09 -1.64
C LYS B 124 4.24 -27.41 -2.90
N ARG B 125 4.67 -26.44 -3.70
CA ARG B 125 5.47 -26.67 -4.89
C ARG B 125 6.87 -27.19 -4.56
N LYS B 126 7.35 -26.94 -3.35
CA LYS B 126 8.61 -27.45 -2.85
C LYS B 126 8.46 -28.71 -1.98
N GLY B 127 7.28 -29.30 -1.90
CA GLY B 127 7.03 -30.43 -1.01
C GLY B 127 6.51 -30.01 0.36
N GLY B 128 6.34 -28.71 0.61
CA GLY B 128 5.88 -28.27 1.92
C GLY B 128 4.41 -28.60 2.15
N PRO B 129 3.91 -28.43 3.37
CA PRO B 129 2.60 -28.86 3.78
C PRO B 129 1.45 -27.88 3.57
N GLY B 130 1.76 -26.69 3.06
CA GLY B 130 0.81 -25.58 3.07
C GLY B 130 0.69 -24.97 4.46
N GLY B 131 -0.18 -23.96 4.59
CA GLY B 131 -0.42 -23.34 5.89
C GLY B 131 -1.50 -22.27 5.76
N ILE B 132 -1.66 -21.49 6.84
CA ILE B 132 -2.70 -20.50 7.02
C ILE B 132 -2.06 -19.20 7.52
N ILE B 133 -2.39 -18.07 6.89
CA ILE B 133 -1.87 -16.77 7.33
C ILE B 133 -3.02 -15.84 7.67
N ALA B 134 -3.03 -15.30 8.88
CA ALA B 134 -3.98 -14.31 9.36
C ALA B 134 -3.23 -12.96 9.46
N ASN B 135 -3.61 -12.01 8.60
CA ASN B 135 -2.94 -10.70 8.57
C ASN B 135 -3.78 -9.64 9.28
N ILE B 136 -3.20 -8.98 10.30
CA ILE B 136 -3.88 -7.84 10.90
C ILE B 136 -3.69 -6.60 10.02
N CYS B 137 -4.80 -6.29 9.33
CA CYS B 137 -4.79 -5.08 8.47
C CYS B 137 -5.47 -3.95 9.22
N SER B 138 -6.61 -3.42 8.80
CA SER B 138 -7.24 -2.27 9.46
C SER B 138 -8.46 -1.87 8.61
N VAL B 139 -9.51 -1.36 9.23
CA VAL B 139 -10.56 -0.71 8.43
C VAL B 139 -10.03 0.48 7.67
N THR B 140 -8.95 1.13 8.09
CA THR B 140 -8.37 2.24 7.33
C THR B 140 -7.81 1.81 5.99
N GLY B 141 -7.64 0.51 5.75
CA GLY B 141 -7.30 0.02 4.43
C GLY B 141 -8.51 -0.06 3.51
N PHE B 142 -9.72 0.10 4.02
CA PHE B 142 -10.91 0.25 3.20
C PHE B 142 -11.17 1.71 2.89
N ASN B 143 -11.17 2.50 3.95
CA ASN B 143 -11.47 3.93 3.91
C ASN B 143 -10.53 4.61 4.91
N ALA B 144 -9.64 5.47 4.48
CA ALA B 144 -8.57 5.98 5.30
C ALA B 144 -9.09 6.81 6.49
N ILE B 145 -8.28 6.88 7.53
CA ILE B 145 -8.22 8.13 8.34
C ILE B 145 -7.30 9.04 7.53
N HIS B 146 -7.90 10.02 6.83
CA HIS B 146 -7.12 10.78 5.86
C HIS B 146 -6.10 11.74 6.45
N GLN B 147 -6.15 11.95 7.78
CA GLN B 147 -5.14 12.72 8.48
C GLN B 147 -3.90 11.92 8.82
N VAL B 148 -3.98 10.59 8.69
CA VAL B 148 -2.79 9.74 8.66
C VAL B 148 -2.80 8.98 7.34
N PRO B 149 -2.54 9.68 6.23
CA PRO B 149 -2.65 9.10 4.91
C PRO B 149 -1.62 8.02 4.68
N VAL B 150 -0.43 8.09 5.26
CA VAL B 150 0.62 7.11 4.98
C VAL B 150 0.31 5.80 5.71
N TYR B 151 0.00 5.92 7.00
CA TYR B 151 -0.53 4.78 7.76
C TYR B 151 -1.68 4.12 7.01
N SER B 152 -2.69 4.88 6.63
CA SER B 152 -3.87 4.28 6.02
C SER B 152 -3.53 3.60 4.69
N ALA B 153 -2.70 4.23 3.87
CA ALA B 153 -2.20 3.62 2.63
C ALA B 153 -1.43 2.32 2.86
N SER B 154 -0.63 2.28 3.92
CA SER B 154 0.09 1.02 4.21
C SER B 154 -0.91 -0.09 4.56
N LYS B 155 -2.01 0.22 5.18
CA LYS B 155 -3.05 -0.76 5.49
C LYS B 155 -3.84 -1.11 4.25
N ALA B 156 -4.11 -0.18 3.34
CA ALA B 156 -4.72 -0.54 2.06
C ALA B 156 -3.85 -1.54 1.31
N ALA B 157 -2.54 -1.36 1.36
CA ALA B 157 -1.59 -2.29 0.76
C ALA B 157 -1.77 -3.70 1.34
N VAL B 158 -1.80 -3.86 2.65
CA VAL B 158 -1.84 -5.23 3.19
C VAL B 158 -3.21 -5.81 3.07
N VAL B 159 -4.33 -5.09 3.01
CA VAL B 159 -5.62 -5.65 2.62
C VAL B 159 -5.52 -6.28 1.25
N SER B 160 -4.97 -5.57 0.29
CA SER B 160 -4.75 -6.06 -1.07
C SER B 160 -3.86 -7.30 -1.09
N PHE B 161 -2.69 -7.22 -0.51
CA PHE B 161 -1.77 -8.37 -0.46
C PHE B 161 -2.48 -9.58 0.12
N THR B 162 -3.28 -9.44 1.16
CA THR B 162 -3.96 -10.59 1.76
C THR B 162 -4.98 -11.18 0.81
N ASN B 163 -5.76 -10.35 0.14
CA ASN B 163 -6.70 -10.80 -0.89
C ASN B 163 -5.98 -11.64 -1.92
N SER B 164 -4.81 -11.20 -2.38
CA SER B 164 -4.07 -11.92 -3.41
C SER B 164 -3.47 -13.21 -2.87
N LEU B 165 -2.96 -13.24 -1.65
CA LEU B 165 -2.47 -14.49 -1.07
C LEU B 165 -3.56 -15.54 -1.10
N ALA B 166 -4.78 -15.20 -0.72
CA ALA B 166 -5.90 -16.14 -0.71
C ALA B 166 -6.14 -16.70 -2.11
N LYS B 167 -6.07 -15.88 -3.14
CA LYS B 167 -6.31 -16.34 -4.51
C LYS B 167 -5.17 -17.19 -5.00
N LEU B 168 -3.97 -17.11 -4.42
CA LEU B 168 -2.83 -17.92 -4.74
C LEU B 168 -2.79 -19.27 -4.01
N ALA B 169 -3.71 -19.49 -3.08
CA ALA B 169 -3.73 -20.76 -2.35
C ALA B 169 -3.72 -22.00 -3.22
N PRO B 170 -4.38 -22.09 -4.36
CA PRO B 170 -4.29 -23.31 -5.19
C PRO B 170 -2.90 -23.60 -5.64
N ILE B 171 -2.01 -22.62 -5.82
CA ILE B 171 -0.65 -22.76 -6.27
C ILE B 171 0.29 -23.07 -5.12
N THR B 172 0.12 -22.37 -3.98
CA THR B 172 1.11 -22.40 -2.91
C THR B 172 0.72 -23.36 -1.81
N GLY B 173 -0.56 -23.65 -1.65
CA GLY B 173 -1.14 -24.34 -0.53
C GLY B 173 -1.28 -23.53 0.74
N VAL B 174 -1.07 -22.21 0.65
CA VAL B 174 -1.21 -21.34 1.82
C VAL B 174 -2.46 -20.47 1.68
N THR B 175 -3.39 -20.63 2.58
CA THR B 175 -4.60 -19.80 2.63
C THR B 175 -4.35 -18.55 3.48
N ALA B 176 -5.24 -17.55 3.32
CA ALA B 176 -5.03 -16.30 4.04
C ALA B 176 -6.36 -15.58 4.19
N TYR B 177 -6.45 -14.76 5.23
CA TYR B 177 -7.58 -13.87 5.45
C TYR B 177 -7.11 -12.66 6.27
N SER B 178 -7.85 -11.56 6.12
CA SER B 178 -7.48 -10.35 6.84
C SER B 178 -8.41 -10.12 8.04
N ILE B 179 -7.80 -9.58 9.09
CA ILE B 179 -8.47 -9.15 10.31
C ILE B 179 -8.37 -7.62 10.34
N ASN B 180 -9.52 -6.95 10.30
CA ASN B 180 -9.52 -5.48 10.15
C ASN B 180 -10.29 -4.84 11.28
N PRO B 181 -9.60 -4.53 12.37
CA PRO B 181 -10.23 -3.85 13.52
C PRO B 181 -10.70 -2.45 13.14
N GLY B 182 -11.82 -2.03 13.68
CA GLY B 182 -12.10 -0.58 13.80
C GLY B 182 -11.42 -0.01 15.03
N ILE B 183 -11.82 1.21 15.42
CA ILE B 183 -11.05 1.90 16.45
C ILE B 183 -11.22 1.17 17.78
N THR B 184 -10.04 0.82 18.32
CA THR B 184 -9.92 -0.10 19.44
C THR B 184 -9.00 0.57 20.46
N ARG B 185 -9.44 0.62 21.71
CA ARG B 185 -8.71 1.41 22.72
C ARG B 185 -7.42 0.69 23.11
C ARG B 185 -7.42 0.77 23.20
N THR B 186 -6.32 1.12 22.52
CA THR B 186 -4.99 0.68 22.86
C THR B 186 -4.07 1.90 22.90
N PRO B 187 -2.79 1.73 23.25
CA PRO B 187 -1.84 2.82 23.24
C PRO B 187 -1.52 3.37 21.88
N LEU B 188 -1.80 2.62 20.81
CA LEU B 188 -1.56 3.07 19.45
C LEU B 188 -2.27 4.38 19.16
N VAL B 189 -3.51 4.52 19.64
CA VAL B 189 -4.37 5.62 19.21
C VAL B 189 -4.54 6.69 20.29
N HIS B 190 -3.80 6.61 21.39
CA HIS B 190 -3.96 7.59 22.44
C HIS B 190 -3.33 8.94 22.08
N THR B 191 -2.10 8.94 21.59
CA THR B 191 -1.51 10.13 20.98
C THR B 191 -0.77 9.72 19.70
N PHE B 192 -0.92 10.48 18.61
CA PHE B 192 -0.12 10.13 17.44
C PHE B 192 0.00 11.30 16.47
N ASN B 193 0.97 11.17 15.58
CA ASN B 193 1.38 12.25 14.67
C ASN B 193 0.63 12.10 13.35
N SER B 194 0.05 13.19 12.88
CA SER B 194 -0.55 13.27 11.55
C SER B 194 0.48 13.72 10.53
N TRP B 195 0.18 13.40 9.25
CA TRP B 195 1.10 13.75 8.17
C TRP B 195 1.23 15.27 8.02
N LEU B 196 2.45 15.78 8.10
CA LEU B 196 2.70 17.22 7.96
C LEU B 196 1.90 17.99 8.97
N ASP B 197 1.58 17.41 10.12
CA ASP B 197 0.75 17.99 11.17
C ASP B 197 -0.50 18.64 10.64
N VAL B 198 -1.19 17.98 9.69
CA VAL B 198 -2.47 18.46 9.22
C VAL B 198 -3.52 18.46 10.31
N GLU B 199 -3.43 17.59 11.30
CA GLU B 199 -4.36 17.49 12.40
C GLU B 199 -3.67 17.06 13.68
N PRO B 200 -3.18 17.99 14.51
CA PRO B 200 -2.40 17.65 15.69
C PRO B 200 -3.21 16.95 16.78
N ARG B 201 -4.52 17.25 16.78
CA ARG B 201 -5.43 16.61 17.71
C ARG B 201 -6.18 15.44 17.08
N VAL B 202 -5.56 14.78 16.10
CA VAL B 202 -6.16 13.64 15.44
C VAL B 202 -6.56 12.54 16.40
N ALA B 203 -5.77 12.22 17.44
CA ALA B 203 -6.15 11.20 18.41
C ALA B 203 -7.35 11.58 19.27
N GLU B 204 -7.37 12.79 19.79
CA GLU B 204 -8.49 13.31 20.58
C GLU B 204 -9.80 13.29 19.81
N LEU B 205 -9.75 13.66 18.54
CA LEU B 205 -10.92 13.68 17.67
C LEU B 205 -11.47 12.30 17.41
N LEU B 206 -10.53 11.39 17.10
CA LEU B 206 -10.89 10.02 16.76
C LEU B 206 -11.63 9.31 17.89
N LEU B 207 -11.24 9.57 19.14
CA LEU B 207 -11.86 8.95 20.30
C LEU B 207 -13.05 9.72 20.84
N SER B 208 -13.58 10.67 20.07
CA SER B 208 -14.83 11.35 20.38
C SER B 208 -16.01 10.66 19.73
N HIS B 209 -15.82 9.45 19.19
CA HIS B 209 -16.80 8.66 18.48
C HIS B 209 -16.77 7.24 19.04
N PRO B 210 -17.83 6.48 18.84
CA PRO B 210 -17.92 5.12 19.38
C PRO B 210 -16.74 4.28 18.97
N THR B 211 -16.22 3.47 19.90
CA THR B 211 -15.03 2.66 19.76
C THR B 211 -15.32 1.31 20.44
N GLN B 212 -14.41 0.36 20.36
CA GLN B 212 -14.57 -0.90 21.07
C GLN B 212 -13.39 -1.16 21.98
N THR B 213 -13.56 -2.17 22.88
CA THR B 213 -12.41 -2.57 23.70
C THR B 213 -11.50 -3.55 22.97
N SER B 214 -10.23 -3.66 23.40
CA SER B 214 -9.37 -4.72 22.89
C SER B 214 -9.84 -6.10 23.34
N GLU B 215 -10.57 -6.23 24.43
CA GLU B 215 -11.19 -7.50 24.83
C GLU B 215 -12.22 -7.97 23.82
N GLN B 216 -13.15 -7.10 23.43
CA GLN B 216 -14.12 -7.41 22.38
C GLN B 216 -13.43 -7.80 21.07
N CYS B 217 -12.44 -6.99 20.68
CA CYS B 217 -11.67 -7.27 19.47
C CYS B 217 -11.01 -8.65 19.52
N GLY B 218 -10.33 -8.94 20.63
CA GLY B 218 -9.64 -10.22 20.80
C GLY B 218 -10.59 -11.43 20.70
N GLN B 219 -11.75 -11.34 21.33
CA GLN B 219 -12.77 -12.38 21.23
C GLN B 219 -13.18 -12.63 19.78
N ASN B 220 -13.47 -11.55 19.02
CA ASN B 220 -13.89 -11.70 17.64
C ASN B 220 -12.74 -12.15 16.75
N PHE B 221 -11.51 -11.81 17.09
CA PHE B 221 -10.33 -12.24 16.35
C PHE B 221 -10.21 -13.76 16.41
N VAL B 222 -10.38 -14.33 17.61
CA VAL B 222 -10.26 -15.80 17.69
C VAL B 222 -11.44 -16.47 17.04
N LYS B 223 -12.64 -15.91 17.08
CA LYS B 223 -13.75 -16.45 16.30
C LYS B 223 -13.48 -16.47 14.80
N ALA B 224 -12.84 -15.42 14.27
CA ALA B 224 -12.47 -15.40 12.85
C ALA B 224 -11.43 -16.46 12.53
N ILE B 225 -10.47 -16.67 13.43
CA ILE B 225 -9.46 -17.72 13.21
C ILE B 225 -10.11 -19.10 13.14
N GLU B 226 -11.05 -19.34 14.05
CA GLU B 226 -11.77 -20.62 14.08
C GLU B 226 -12.66 -20.81 12.87
N ALA B 227 -13.21 -19.74 12.31
CA ALA B 227 -13.98 -19.85 11.06
C ALA B 227 -13.10 -20.33 9.91
N ASN B 228 -11.85 -19.88 9.84
CA ASN B 228 -10.87 -20.35 8.92
C ASN B 228 -11.33 -20.26 7.46
N LYS B 229 -11.75 -19.05 7.06
CA LYS B 229 -12.31 -18.87 5.72
C LYS B 229 -11.29 -18.23 4.79
N ASN B 230 -10.76 -18.97 3.85
CA ASN B 230 -9.81 -18.44 2.88
C ASN B 230 -10.42 -17.26 2.11
N GLY B 231 -9.67 -16.15 2.10
CA GLY B 231 -10.13 -14.97 1.38
C GLY B 231 -11.13 -14.13 2.14
N ALA B 232 -11.49 -14.44 3.38
CA ALA B 232 -12.37 -13.60 4.14
C ALA B 232 -11.65 -12.27 4.42
N ILE B 233 -12.49 -11.24 4.44
CA ILE B 233 -12.08 -9.87 4.79
C ILE B 233 -12.90 -9.45 6.00
N TRP B 234 -12.36 -9.74 7.20
CA TRP B 234 -13.15 -9.63 8.42
C TRP B 234 -13.10 -8.20 8.97
N LYS B 235 -14.25 -7.61 9.23
CA LYS B 235 -14.29 -6.34 9.96
C LYS B 235 -14.62 -6.59 11.42
N LEU B 236 -13.79 -6.04 12.30
CA LEU B 236 -13.98 -6.21 13.75
C LEU B 236 -14.20 -4.82 14.35
N ASP B 237 -15.44 -4.35 14.27
CA ASP B 237 -15.74 -2.96 14.62
C ASP B 237 -16.95 -2.87 15.54
N LEU B 238 -16.85 -2.04 16.56
CA LEU B 238 -17.93 -1.82 17.52
C LEU B 238 -18.44 -3.12 18.13
N GLY B 239 -17.50 -4.02 18.44
CA GLY B 239 -17.86 -5.25 19.13
C GLY B 239 -18.37 -6.37 18.25
N THR B 240 -18.54 -6.18 16.94
CA THR B 240 -19.07 -7.25 16.10
C THR B 240 -18.00 -7.86 15.20
N LEU B 241 -18.31 -9.00 14.62
CA LEU B 241 -17.55 -9.63 13.57
C LEU B 241 -18.39 -9.73 12.28
N GLU B 242 -17.85 -9.18 11.20
CA GLU B 242 -18.62 -9.12 9.95
C GLU B 242 -17.70 -9.32 8.76
N ALA B 243 -18.05 -10.22 7.86
CA ALA B 243 -17.28 -10.41 6.63
C ALA B 243 -17.70 -9.32 5.65
N ILE B 244 -16.76 -8.61 5.04
CA ILE B 244 -17.20 -7.68 4.00
C ILE B 244 -16.99 -8.24 2.61
N GLU B 245 -17.83 -7.72 1.71
CA GLU B 245 -17.76 -8.05 0.29
C GLU B 245 -16.92 -7.02 -0.45
N TRP B 246 -15.87 -7.50 -1.08
CA TRP B 246 -14.95 -6.65 -1.81
C TRP B 246 -15.59 -6.14 -3.11
N THR B 247 -15.48 -4.84 -3.37
CA THR B 247 -16.13 -4.28 -4.55
C THR B 247 -15.34 -4.65 -5.79
N LYS B 248 -16.09 -5.09 -6.81
CA LYS B 248 -15.43 -5.45 -8.07
C LYS B 248 -15.42 -4.30 -9.07
N HIS B 249 -14.35 -3.51 -9.08
CA HIS B 249 -14.26 -2.39 -10.02
C HIS B 249 -13.58 -2.76 -11.33
N TRP B 250 -12.74 -3.79 -11.31
CA TRP B 250 -11.96 -4.22 -12.44
C TRP B 250 -11.63 -5.69 -12.26
N ASP B 251 -11.35 -6.36 -13.36
CA ASP B 251 -10.92 -7.76 -13.33
C ASP B 251 -9.84 -8.00 -14.35
N SER B 252 -8.72 -8.60 -13.96
CA SER B 252 -7.61 -8.91 -14.82
C SER B 252 -7.92 -10.02 -15.82
N HIS B 253 -8.92 -10.83 -15.50
CA HIS B 253 -9.36 -12.00 -16.26
C HIS B 253 -8.45 -13.19 -16.08
N ILE B 254 -7.37 -13.12 -15.32
CA ILE B 254 -6.41 -14.20 -15.13
C ILE B 254 -6.35 -14.54 -13.63
PA NAQ C . 7.30 2.01 -18.33
O1A NAQ C . 8.25 1.00 -17.75
O2A NAQ C . 7.35 2.22 -19.87
O5' NAQ C . 7.51 3.43 -17.65
C5' NAQ C . 7.99 3.50 -16.24
C4' NAQ C . 8.24 4.95 -15.99
O4' NAQ C . 8.61 5.05 -14.57
C3' NAQ C . 9.48 5.49 -16.77
O3' NAQ C . 9.27 6.95 -16.96
C2' NAQ C . 10.65 5.24 -15.87
O2' NAQ C . 11.79 6.01 -16.05
C1' NAQ C . 9.85 5.55 -14.52
N9A NAQ C . 10.59 5.07 -13.42
C8A NAQ C . 10.93 3.78 -13.05
N7A NAQ C . 11.70 3.72 -11.98
C5A NAQ C . 11.92 5.02 -11.59
C6A NAQ C . 12.71 5.60 -10.45
N6A NAQ C . 13.39 4.92 -9.57
N1A NAQ C . 12.68 7.01 -10.41
C2A NAQ C . 12.03 7.76 -11.30
N3A NAQ C . 11.28 7.28 -12.39
C4A NAQ C . 11.25 5.85 -12.48
OPP NAQ C . 5.84 1.70 -17.86
PN NAQ C . 4.36 2.32 -18.09
O1N NAQ C . 3.47 1.24 -18.47
O2N NAQ C . 4.51 3.55 -18.93
O5B NAQ C . 3.93 2.74 -16.62
C5B NAQ C . 3.78 4.12 -16.17
C4B NAQ C . 2.97 4.21 -14.91
O4B NAQ C . 1.67 3.52 -15.20
C3B NAQ C . 3.53 3.37 -13.70
O3B NAQ C . 3.21 3.99 -12.52
C2B NAQ C . 2.78 2.03 -13.80
O2B NAQ C . 2.80 1.40 -12.57
C1B NAQ C . 1.43 2.52 -14.24
N1N NAQ C . 0.47 1.54 -14.82
C2N NAQ C . 0.77 0.78 -15.99
C3N NAQ C . -0.26 0.05 -16.46
C7N NAQ C . 0.09 -0.70 -17.85
O7N NAQ C . -0.79 -1.52 -18.20
N7N NAQ C . 1.24 -0.43 -18.54
C4N NAQ C . -1.57 -0.10 -15.92
C5N NAQ C . -1.78 0.79 -14.81
C6N NAQ C . -0.76 1.57 -14.29
C5P NAQ C . -3.23 -1.87 -14.96
C4P NAQ C . -1.81 -1.57 -15.47
C3P NAQ C . -0.68 -2.04 -14.53
OP NAQ C . -0.77 -1.68 -13.23
C2P NAQ C . 0.40 -2.98 -15.01
C1P NAQ C . -0.07 -4.42 -14.79
PA NAQ D . 0.18 -1.39 19.81
O1A NAQ D . 1.15 -0.29 19.53
O2A NAQ D . -0.33 -1.61 21.25
O5' NAQ D . 0.81 -2.75 19.25
C5' NAQ D . 1.87 -2.72 18.21
C4' NAQ D . 2.43 -4.09 18.10
O4' NAQ D . 3.32 -4.13 16.93
C3' NAQ D . 3.40 -4.41 19.30
O3' NAQ D . 3.32 -5.86 19.54
C2' NAQ D . 4.73 -3.97 18.82
O2' NAQ D . 5.85 -4.45 19.46
C1' NAQ D . 4.57 -4.49 17.33
N9A NAQ D . 5.55 -3.87 16.51
C8A NAQ D . 5.80 -2.55 16.18
N7A NAQ D . 6.84 -2.36 15.42
C5A NAQ D . 7.37 -3.61 15.17
C6A NAQ D . 8.55 -4.06 14.37
N6A NAQ D . 9.38 -3.31 13.68
N1A NAQ D . 8.72 -5.47 14.41
C2A NAQ D . 7.96 -6.34 15.05
N3A NAQ D . 6.84 -5.94 15.82
C4A NAQ D . 6.58 -4.54 15.85
OPP NAQ D . -1.04 -1.26 18.82
PN NAQ D . -2.39 -2.10 18.51
O1N NAQ D . -3.53 -1.23 18.63
O2N NAQ D . -2.35 -3.37 19.31
O5B NAQ D . -2.19 -2.56 17.00
C5B NAQ D . -1.99 -3.94 16.61
C4B NAQ D . -2.18 -4.11 15.13
O4B NAQ D . -3.58 -3.63 14.85
C3B NAQ D . -1.34 -3.12 14.22
O3B NAQ D . -1.09 -3.77 13.05
C2B NAQ D . -2.25 -1.90 14.01
O2B NAQ D . -1.85 -1.24 12.86
C1B NAQ D . -3.56 -2.61 13.88
N1N NAQ D . -4.83 -1.82 14.08
C2N NAQ D . -5.10 -1.10 15.24
C3N NAQ D . -6.28 -0.44 15.24
C7N NAQ D . -6.61 0.29 16.64
O7N NAQ D . -7.66 0.99 16.70
N7N NAQ D . -5.78 0.10 17.73
C4N NAQ D . -7.31 -0.47 14.25
C5N NAQ D . -6.95 -1.35 13.17
C6N NAQ D . -5.76 -2.05 13.11
C5P NAQ D . -8.79 1.07 12.76
C4P NAQ D . -7.58 0.95 13.71
C3P NAQ D . -6.32 1.65 13.18
OP NAQ D . -5.82 1.15 12.02
C2P NAQ D . -5.54 2.64 14.04
C1P NAQ D . -5.97 4.07 13.68
#